data_6NKD
#
_entry.id   6NKD
#
_cell.length_a   93.120
_cell.length_b   93.120
_cell.length_c   196.898
_cell.angle_alpha   90.00
_cell.angle_beta   90.00
_cell.angle_gamma   120.00
#
_symmetry.space_group_name_H-M   'P 64 2 2'
#
loop_
_entity.id
_entity.type
_entity.pdbx_description
1 polymer 'Lip_vut3, C2L'
2 non-polymer 'SULFATE ION'
3 non-polymer 1,2-ETHANEDIOL
4 non-polymer 'CHLORIDE ION'
5 non-polymer 'FORMIC ACID'
6 water water
#
_entity_poly.entity_id   1
_entity_poly.type   'polypeptide(L)'
_entity_poly.pdbx_seq_one_letter_code
;(MSE)TLQYTALGDSLTVGVGAGLFEPGFVQRYKRK(MSE)EEDLNEEVSLIVFAKSGLETSEILA(MSE)LNEPFI
(MSE)EQVKKADVITITGCGNDLLQSLEIYEKEKDEHVFLEASSHCQKNYSG(MSE)LEKIREIKGEKDTRYLVRLLNLY
NPFPSIELADKWISGFNRHLKQLESAPQIKVIDTYAVFKGREKEYLSIDRVHPSSRGYEA(MSE)SEKLRAAGYGRLEGH
HHHHH
;
_entity_poly.pdbx_strand_id   A,B
#
loop_
_chem_comp.id
_chem_comp.type
_chem_comp.name
_chem_comp.formula
CL non-polymer 'CHLORIDE ION' 'Cl -1'
EDO non-polymer 1,2-ETHANEDIOL 'C2 H6 O2'
FMT non-polymer 'FORMIC ACID' 'C H2 O2'
SO4 non-polymer 'SULFATE ION' 'O4 S -2'
#
# COMPACT_ATOMS: atom_id res chain seq x y z
N THR A 2 -15.80 -12.66 -5.73
CA THR A 2 -14.66 -11.79 -5.47
C THR A 2 -13.68 -12.46 -4.50
N LEU A 3 -12.44 -12.62 -4.93
CA LEU A 3 -11.41 -13.25 -4.12
C LEU A 3 -10.64 -12.20 -3.33
N GLN A 4 -10.25 -12.57 -2.11
CA GLN A 4 -9.48 -11.70 -1.23
C GLN A 4 -8.07 -12.25 -1.13
N TYR A 5 -7.09 -11.44 -1.51
CA TYR A 5 -5.68 -11.83 -1.52
C TYR A 5 -4.91 -10.86 -0.62
N THR A 6 -4.38 -11.36 0.48
CA THR A 6 -3.56 -10.57 1.37
C THR A 6 -2.09 -10.90 1.14
N ALA A 7 -1.23 -9.90 1.35
CA ALA A 7 0.19 -10.04 1.11
C ALA A 7 0.97 -9.43 2.26
N LEU A 8 1.90 -10.19 2.82
CA LEU A 8 2.71 -9.75 3.95
C LEU A 8 4.17 -9.96 3.61
N GLY A 9 5.02 -9.08 4.13
CA GLY A 9 6.44 -9.27 3.95
C GLY A 9 7.20 -7.96 4.07
N ASP A 10 8.38 -7.94 3.46
CA ASP A 10 9.32 -6.83 3.59
C ASP A 10 9.32 -5.95 2.34
N SER A 11 10.50 -5.57 1.87
CA SER A 11 10.58 -4.64 0.74
C SER A 11 10.13 -5.30 -0.56
N LEU A 12 10.23 -6.62 -0.67
CA LEU A 12 9.77 -7.30 -1.88
C LEU A 12 8.27 -7.16 -2.06
N THR A 13 7.51 -7.34 -0.97
CA THR A 13 6.07 -7.17 -1.04
C THR A 13 5.69 -5.71 -1.27
N VAL A 14 6.52 -4.78 -0.79
CA VAL A 14 6.31 -3.37 -1.10
C VAL A 14 6.53 -3.12 -2.58
N GLY A 15 7.50 -3.80 -3.18
CA GLY A 15 7.85 -3.56 -4.57
C GLY A 15 9.05 -2.66 -4.78
N VAL A 16 9.95 -2.57 -3.80
CA VAL A 16 11.10 -1.68 -3.89
C VAL A 16 12.01 -2.18 -5.00
N GLY A 17 12.47 -1.26 -5.86
CA GLY A 17 13.35 -1.56 -6.96
C GLY A 17 12.70 -1.36 -8.31
N ALA A 18 11.41 -1.64 -8.42
CA ALA A 18 10.68 -1.45 -9.67
C ALA A 18 10.39 0.02 -9.96
N GLY A 19 10.55 0.90 -8.98
CA GLY A 19 10.19 2.30 -9.17
C GLY A 19 8.91 2.63 -8.41
N LEU A 20 8.81 3.89 -7.99
CA LEU A 20 7.67 4.32 -7.21
C LEU A 20 6.38 4.17 -8.00
N PHE A 21 5.38 3.54 -7.38
CA PHE A 21 4.05 3.28 -7.94
C PHE A 21 4.07 2.30 -9.10
N GLU A 22 5.24 1.82 -9.53
CA GLU A 22 5.25 0.78 -10.55
C GLU A 22 4.90 -0.56 -9.90
N PRO A 23 4.14 -1.41 -10.59
CA PRO A 23 3.66 -2.64 -9.96
C PRO A 23 4.80 -3.60 -9.63
N GLY A 24 4.84 -4.04 -8.37
CA GLY A 24 5.75 -5.07 -7.94
C GLY A 24 5.21 -6.45 -8.31
N PHE A 25 5.70 -7.47 -7.60
CA PHE A 25 5.26 -8.83 -7.92
C PHE A 25 3.88 -9.14 -7.37
N VAL A 26 3.42 -8.44 -6.33
CA VAL A 26 2.16 -8.82 -5.70
C VAL A 26 0.98 -8.43 -6.56
N GLN A 27 1.06 -7.31 -7.28
CA GLN A 27 -0.03 -6.88 -8.14
C GLN A 27 0.05 -7.45 -9.54
N ARG A 28 1.25 -7.81 -10.01
CA ARG A 28 1.34 -8.61 -11.23
C ARG A 28 0.80 -10.01 -10.99
N TYR A 29 1.01 -10.56 -9.79
CA TYR A 29 0.43 -11.84 -9.43
C TYR A 29 -1.07 -11.74 -9.24
N LYS A 30 -1.56 -10.58 -8.79
CA LYS A 30 -3.00 -10.39 -8.66
C LYS A 30 -3.69 -10.38 -10.01
N ARG A 31 -3.07 -9.72 -11.00
CA ARG A 31 -3.67 -9.67 -12.33
C ARG A 31 -3.71 -11.04 -12.98
N LYS A 32 -2.64 -11.82 -12.82
CA LYS A 32 -2.62 -13.17 -13.38
C LYS A 32 -3.58 -14.10 -12.64
N MSE A 33 -3.77 -13.87 -11.34
CA MSE A 33 -4.70 -14.64 -10.55
C MSE A 33 -6.12 -14.44 -11.07
O MSE A 33 -6.89 -15.40 -11.19
CB MSE A 33 -4.62 -14.25 -9.08
CG MSE A 33 -5.44 -15.12 -8.14
SE MSE A 33 -5.45 -14.41 -6.33
CE MSE A 33 -3.52 -14.26 -6.05
N GLU A 34 -6.46 -13.18 -11.38
CA GLU A 34 -7.75 -12.89 -11.99
C GLU A 34 -7.89 -13.55 -13.35
N GLU A 35 -6.81 -13.56 -14.14
CA GLU A 35 -6.87 -14.10 -15.48
C GLU A 35 -7.01 -15.63 -15.45
N ASP A 36 -6.34 -16.29 -14.51
CA ASP A 36 -6.37 -17.75 -14.45
C ASP A 36 -7.62 -18.29 -13.79
N LEU A 37 -8.32 -17.50 -12.99
CA LEU A 37 -9.52 -17.95 -12.29
C LEU A 37 -10.78 -17.26 -12.76
N ASN A 38 -10.67 -16.27 -13.64
CA ASN A 38 -11.81 -15.54 -14.19
C ASN A 38 -12.68 -14.95 -13.08
N GLU A 39 -12.04 -14.18 -12.19
CA GLU A 39 -12.73 -13.59 -11.07
C GLU A 39 -11.90 -12.42 -10.54
N GLU A 40 -12.57 -11.31 -10.25
CA GLU A 40 -11.90 -10.15 -9.70
C GLU A 40 -11.29 -10.48 -8.33
N VAL A 41 -10.21 -9.78 -8.00
CA VAL A 41 -9.46 -10.04 -6.77
C VAL A 41 -9.29 -8.73 -6.03
N SER A 42 -9.60 -8.74 -4.73
CA SER A 42 -9.31 -7.61 -3.85
C SER A 42 -7.98 -7.85 -3.15
N LEU A 43 -7.15 -6.81 -3.10
CA LEU A 43 -5.79 -6.92 -2.61
C LEU A 43 -5.60 -6.04 -1.38
N ILE A 44 -5.00 -6.61 -0.34
CA ILE A 44 -4.59 -5.88 0.85
C ILE A 44 -3.12 -6.21 1.10
N VAL A 45 -2.31 -5.19 1.39
CA VAL A 45 -0.87 -5.34 1.52
C VAL A 45 -0.43 -4.77 2.87
N PHE A 46 0.21 -5.60 3.68
CA PHE A 46 0.85 -5.17 4.93
C PHE A 46 2.34 -5.43 4.76
N ALA A 47 3.11 -4.40 4.45
CA ALA A 47 4.54 -4.58 4.20
C ALA A 47 5.27 -3.28 4.46
N LYS A 48 6.54 -3.41 4.85
CA LYS A 48 7.40 -2.26 5.12
C LYS A 48 8.85 -2.72 5.01
N SER A 49 9.71 -1.83 4.52
CA SER A 49 11.12 -2.16 4.42
C SER A 49 11.72 -2.39 5.80
N GLY A 50 12.56 -3.42 5.90
CA GLY A 50 13.16 -3.76 7.18
C GLY A 50 12.26 -4.50 8.13
N LEU A 51 11.13 -5.03 7.66
CA LEU A 51 10.22 -5.78 8.52
C LEU A 51 10.71 -7.22 8.58
N GLU A 52 11.36 -7.58 9.68
CA GLU A 52 11.92 -8.91 9.81
C GLU A 52 10.83 -9.93 10.14
N THR A 53 11.21 -11.21 10.10
CA THR A 53 10.23 -12.28 10.18
C THR A 53 9.52 -12.33 11.53
N SER A 54 10.23 -11.98 12.62
CA SER A 54 9.59 -12.00 13.93
C SER A 54 8.46 -10.98 14.00
N GLU A 55 8.66 -9.80 13.42
CA GLU A 55 7.61 -8.79 13.41
C GLU A 55 6.41 -9.24 12.60
N ILE A 56 6.66 -9.85 11.44
CA ILE A 56 5.57 -10.33 10.59
C ILE A 56 4.73 -11.35 11.35
N LEU A 57 5.38 -12.17 12.18
CA LEU A 57 4.63 -13.11 13.01
C LEU A 57 3.83 -12.38 14.09
N ALA A 58 4.40 -11.31 14.65
CA ALA A 58 3.70 -10.54 15.68
C ALA A 58 2.54 -9.73 15.09
N MSE A 59 2.55 -9.49 13.78
CA MSE A 59 1.46 -8.76 13.14
C MSE A 59 0.17 -9.56 13.15
O MSE A 59 -0.92 -8.99 13.20
CB MSE A 59 1.82 -8.39 11.70
CG MSE A 59 3.04 -7.52 11.54
SE MSE A 59 3.29 -7.09 9.66
CE MSE A 59 2.59 -8.73 8.88
N LEU A 60 0.30 -10.88 13.07
CA LEU A 60 -0.87 -11.74 12.94
C LEU A 60 -1.79 -11.68 14.14
N ASN A 61 -1.35 -11.10 15.26
CA ASN A 61 -2.23 -10.87 16.39
C ASN A 61 -2.95 -9.54 16.33
N GLU A 62 -2.57 -8.67 15.39
CA GLU A 62 -3.29 -7.41 15.22
C GLU A 62 -4.71 -7.68 14.79
N PRO A 63 -5.71 -7.02 15.38
CA PRO A 63 -7.10 -7.35 15.03
C PRO A 63 -7.45 -7.06 13.58
N PHE A 64 -6.96 -5.94 13.03
CA PHE A 64 -7.27 -5.62 11.64
C PHE A 64 -6.53 -6.55 10.69
N ILE A 65 -5.30 -6.94 11.03
CA ILE A 65 -4.55 -7.84 10.17
C ILE A 65 -5.14 -9.25 10.23
N MSE A 66 -5.63 -9.67 11.39
CA MSE A 66 -6.26 -10.97 11.52
C MSE A 66 -7.55 -11.02 10.72
O MSE A 66 -7.93 -12.08 10.21
CB MSE A 66 -6.54 -11.30 12.99
CG MSE A 66 -5.96 -12.64 13.41
SE MSE A 66 -6.56 -13.27 15.15
CE MSE A 66 -8.17 -14.21 14.57
N GLU A 67 -8.22 -9.88 10.62
CA GLU A 67 -9.42 -9.79 9.79
C GLU A 67 -9.11 -10.11 8.34
N GLN A 68 -8.07 -9.47 7.79
CA GLN A 68 -7.76 -9.66 6.37
C GLN A 68 -7.13 -11.02 6.10
N VAL A 69 -6.44 -11.59 7.08
CA VAL A 69 -5.86 -12.92 6.90
C VAL A 69 -6.95 -13.98 6.93
N LYS A 70 -7.94 -13.82 7.81
CA LYS A 70 -9.03 -14.79 7.88
C LYS A 70 -9.84 -14.81 6.60
N LYS A 71 -10.10 -13.64 6.02
CA LYS A 71 -10.84 -13.55 4.77
C LYS A 71 -10.00 -13.91 3.55
N ALA A 72 -8.68 -14.00 3.70
CA ALA A 72 -7.81 -14.17 2.54
C ALA A 72 -7.93 -15.59 1.97
N ASP A 73 -8.15 -15.67 0.67
CA ASP A 73 -8.10 -16.93 -0.05
C ASP A 73 -6.69 -17.28 -0.49
N VAL A 74 -5.83 -16.28 -0.66
CA VAL A 74 -4.44 -16.47 -1.03
C VAL A 74 -3.58 -15.57 -0.15
N ILE A 75 -2.49 -16.12 0.38
CA ILE A 75 -1.57 -15.39 1.24
C ILE A 75 -0.16 -15.58 0.71
N THR A 76 0.58 -14.48 0.56
CA THR A 76 1.98 -14.52 0.17
C THR A 76 2.83 -13.88 1.27
N ILE A 77 3.97 -14.48 1.56
CA ILE A 77 4.85 -14.02 2.62
C ILE A 77 6.27 -13.92 2.09
N THR A 78 6.93 -12.80 2.37
CA THR A 78 8.35 -12.61 2.08
C THR A 78 9.06 -12.20 3.36
N GLY A 79 10.36 -12.46 3.41
CA GLY A 79 11.12 -12.08 4.58
C GLY A 79 12.49 -12.72 4.56
N CYS A 80 13.27 -12.39 5.60
CA CYS A 80 14.63 -12.85 5.89
C CYS A 80 15.65 -12.36 4.86
N GLY A 81 15.25 -11.57 3.87
CA GLY A 81 16.22 -11.06 2.90
C GLY A 81 17.22 -10.10 3.51
N ASN A 82 16.77 -9.25 4.44
CA ASN A 82 17.67 -8.29 5.06
C ASN A 82 18.60 -8.94 6.08
N ASP A 83 18.21 -10.09 6.64
CA ASP A 83 19.10 -10.81 7.54
C ASP A 83 20.35 -11.30 6.82
N LEU A 84 20.21 -11.66 5.54
CA LEU A 84 21.37 -12.06 4.75
C LEU A 84 22.34 -10.89 4.58
N LEU A 85 21.82 -9.70 4.31
CA LEU A 85 22.68 -8.52 4.18
C LEU A 85 23.36 -8.20 5.50
N GLN A 86 22.63 -8.28 6.61
CA GLN A 86 23.25 -8.04 7.91
C GLN A 86 24.30 -9.10 8.23
N SER A 87 24.03 -10.35 7.88
CA SER A 87 24.97 -11.43 8.19
C SER A 87 26.24 -11.32 7.35
N LEU A 88 26.10 -10.94 6.08
CA LEU A 88 27.28 -10.79 5.23
C LEU A 88 28.20 -9.70 5.74
N GLU A 89 27.63 -8.63 6.31
CA GLU A 89 28.45 -7.57 6.88
C GLU A 89 29.06 -8.00 8.20
N ILE A 90 28.35 -8.79 9.00
CA ILE A 90 28.92 -9.30 10.24
C ILE A 90 30.03 -10.31 9.94
N TYR A 91 29.82 -11.16 8.92
CA TYR A 91 30.86 -12.11 8.54
C TYR A 91 32.10 -11.39 8.00
N GLU A 92 31.90 -10.26 7.33
CA GLU A 92 33.04 -9.52 6.80
C GLU A 92 33.96 -9.04 7.91
N LYS A 93 33.42 -8.78 9.09
CA LYS A 93 34.24 -8.30 10.21
C LYS A 93 34.70 -9.44 11.12
N GLU A 94 33.82 -10.40 11.41
CA GLU A 94 34.13 -11.44 12.38
C GLU A 94 34.51 -12.77 11.77
N LYS A 95 34.18 -13.00 10.48
CA LYS A 95 34.54 -14.22 9.77
C LYS A 95 33.97 -15.47 10.45
N ASP A 96 32.85 -15.33 11.15
CA ASP A 96 32.18 -16.45 11.79
C ASP A 96 31.11 -16.98 10.84
N GLU A 97 31.25 -18.24 10.43
CA GLU A 97 30.31 -18.85 9.50
C GLU A 97 28.99 -19.24 10.16
N HIS A 98 28.90 -19.15 11.48
CA HIS A 98 27.70 -19.50 12.22
C HIS A 98 26.70 -18.35 12.35
N VAL A 99 27.13 -17.12 12.07
CA VAL A 99 26.28 -15.96 12.34
C VAL A 99 25.01 -15.99 11.50
N PHE A 100 25.10 -16.50 10.26
CA PHE A 100 23.90 -16.56 9.43
C PHE A 100 23.06 -17.79 9.73
N LEU A 101 23.72 -18.91 10.05
CA LEU A 101 22.96 -20.12 10.36
C LEU A 101 22.06 -19.92 11.58
N GLU A 102 22.53 -19.14 12.55
CA GLU A 102 21.68 -18.80 13.68
C GLU A 102 20.55 -17.87 13.26
N ALA A 103 20.85 -16.89 12.41
CA ALA A 103 19.81 -15.98 11.92
C ALA A 103 18.85 -16.70 10.98
N SER A 104 19.39 -17.56 10.10
CA SER A 104 18.54 -18.37 9.24
C SER A 104 17.66 -19.33 10.04
N SER A 105 18.17 -19.80 11.19
CA SER A 105 17.37 -20.66 12.04
C SER A 105 16.20 -19.90 12.66
N HIS A 106 16.36 -18.60 12.89
CA HIS A 106 15.27 -17.81 13.47
C HIS A 106 14.17 -17.56 12.44
N CYS A 107 14.55 -17.35 11.17
CA CYS A 107 13.56 -17.13 10.12
C CYS A 107 12.73 -18.39 9.90
N GLN A 108 13.38 -19.55 9.78
CA GLN A 108 12.65 -20.80 9.59
C GLN A 108 11.72 -21.08 10.75
N LYS A 109 12.08 -20.64 11.96
CA LYS A 109 11.20 -20.79 13.10
C LYS A 109 10.01 -19.84 13.02
N ASN A 110 10.25 -18.60 12.59
CA ASN A 110 9.16 -17.64 12.47
C ASN A 110 8.21 -18.01 11.34
N TYR A 111 8.75 -18.49 10.22
CA TYR A 111 7.91 -18.96 9.13
C TYR A 111 6.99 -20.08 9.59
N SER A 112 7.53 -21.06 10.33
CA SER A 112 6.70 -22.10 10.89
C SER A 112 5.73 -21.54 11.92
N GLY A 113 6.11 -20.45 12.60
CA GLY A 113 5.23 -19.86 13.59
C GLY A 113 4.04 -19.15 12.97
N MSE A 114 4.29 -18.35 11.94
CA MSE A 114 3.21 -17.62 11.28
C MSE A 114 2.32 -18.57 10.48
O MSE A 114 1.13 -18.32 10.33
CB MSE A 114 3.77 -16.52 10.38
CG MSE A 114 4.70 -17.01 9.27
SE MSE A 114 5.64 -15.54 8.39
CE MSE A 114 6.60 -14.84 9.93
N LEU A 115 2.90 -19.68 10.01
CA LEU A 115 2.09 -20.71 9.37
C LEU A 115 1.12 -21.33 10.37
N GLU A 116 1.61 -21.65 11.57
CA GLU A 116 0.76 -22.24 12.61
C GLU A 116 -0.31 -21.26 13.06
N LYS A 117 -0.04 -19.95 13.01
CA LYS A 117 -1.04 -18.98 13.42
C LYS A 117 -2.11 -18.78 12.35
N ILE A 118 -1.74 -18.90 11.07
CA ILE A 118 -2.71 -18.72 10.00
C ILE A 118 -3.83 -19.74 10.10
N ARG A 119 -3.49 -21.00 10.41
CA ARG A 119 -4.51 -22.01 10.59
C ARG A 119 -5.25 -21.84 11.91
N GLU A 120 -4.57 -21.30 12.94
CA GLU A 120 -5.25 -20.96 14.18
C GLU A 120 -6.23 -19.81 13.97
N ILE A 121 -5.93 -18.92 13.03
CA ILE A 121 -6.84 -17.81 12.74
C ILE A 121 -8.07 -18.32 11.98
N LYS A 122 -7.85 -19.17 10.98
CA LYS A 122 -8.96 -19.64 10.16
C LYS A 122 -9.71 -20.81 10.82
N GLY A 123 -8.97 -21.77 11.36
CA GLY A 123 -9.61 -22.90 12.02
C GLY A 123 -9.70 -24.13 11.14
N GLU A 124 -10.72 -24.95 11.39
CA GLU A 124 -10.89 -26.21 10.66
C GLU A 124 -11.99 -26.13 9.60
N LYS A 125 -12.83 -25.10 9.64
CA LYS A 125 -13.90 -24.98 8.65
C LYS A 125 -13.34 -24.68 7.26
N ASP A 126 -12.46 -23.69 7.17
CA ASP A 126 -11.93 -23.22 5.89
C ASP A 126 -10.51 -23.77 5.71
N THR A 127 -10.41 -24.89 4.99
CA THR A 127 -9.13 -25.41 4.54
C THR A 127 -8.86 -25.06 3.08
N ARG A 128 -9.68 -24.21 2.48
CA ARG A 128 -9.54 -23.80 1.10
C ARG A 128 -8.56 -22.65 0.92
N TYR A 129 -7.91 -22.20 1.99
CA TYR A 129 -6.94 -21.12 1.89
C TYR A 129 -5.69 -21.58 1.14
N LEU A 130 -4.87 -20.61 0.76
CA LEU A 130 -3.69 -20.85 -0.05
C LEU A 130 -2.56 -19.96 0.43
N VAL A 131 -1.39 -20.55 0.66
CA VAL A 131 -0.21 -19.81 1.12
C VAL A 131 0.94 -20.11 0.18
N ARG A 132 1.52 -19.05 -0.39
CA ARG A 132 2.69 -19.15 -1.25
C ARG A 132 3.79 -18.28 -0.66
N LEU A 133 4.78 -18.90 -0.03
CA LEU A 133 5.92 -18.18 0.54
C LEU A 133 7.12 -18.36 -0.36
N LEU A 134 7.83 -17.27 -0.61
CA LEU A 134 8.93 -17.24 -1.55
C LEU A 134 10.26 -17.36 -0.81
N ASN A 135 11.15 -18.20 -1.34
CA ASN A 135 12.46 -18.35 -0.72
C ASN A 135 13.37 -17.19 -1.12
N LEU A 136 14.63 -17.28 -0.71
CA LEU A 136 15.59 -16.21 -0.95
C LEU A 136 16.40 -16.47 -2.21
N TYR A 137 16.62 -15.42 -2.98
CA TYR A 137 17.55 -15.46 -4.09
C TYR A 137 18.91 -14.93 -3.66
N ASN A 138 19.94 -15.27 -4.44
CA ASN A 138 21.29 -14.83 -4.12
C ASN A 138 21.64 -13.63 -4.99
N PRO A 139 21.61 -12.41 -4.47
CA PRO A 139 21.95 -11.25 -5.30
C PRO A 139 23.44 -11.11 -5.58
N PHE A 140 24.29 -11.86 -4.87
CA PHE A 140 25.74 -11.82 -5.06
C PHE A 140 26.22 -13.20 -5.48
N PRO A 141 26.10 -13.54 -6.77
CA PRO A 141 26.49 -14.89 -7.22
C PRO A 141 27.98 -15.14 -7.15
N SER A 142 28.82 -14.10 -7.20
CA SER A 142 30.26 -14.30 -7.13
C SER A 142 30.76 -14.63 -5.73
N ILE A 143 29.91 -14.51 -4.71
CA ILE A 143 30.26 -14.84 -3.35
C ILE A 143 29.73 -16.24 -3.04
N GLU A 144 30.63 -17.21 -2.95
CA GLU A 144 30.20 -18.59 -2.72
C GLU A 144 29.54 -18.75 -1.35
N LEU A 145 30.03 -18.01 -0.34
CA LEU A 145 29.43 -18.11 0.99
C LEU A 145 27.99 -17.61 0.97
N ALA A 146 27.71 -16.58 0.18
CA ALA A 146 26.34 -16.11 0.05
C ALA A 146 25.46 -17.16 -0.64
N ASP A 147 26.00 -17.84 -1.64
CA ASP A 147 25.24 -18.87 -2.33
C ASP A 147 25.03 -20.08 -1.43
N LYS A 148 26.06 -20.47 -0.68
CA LYS A 148 25.93 -21.61 0.22
C LYS A 148 24.96 -21.31 1.36
N TRP A 149 25.02 -20.10 1.91
CA TRP A 149 24.13 -19.73 3.00
C TRP A 149 22.68 -19.75 2.55
N ILE A 150 22.39 -19.17 1.39
CA ILE A 150 21.02 -19.05 0.93
C ILE A 150 20.49 -20.40 0.46
N SER A 151 21.35 -21.24 -0.12
CA SER A 151 20.92 -22.58 -0.53
C SER A 151 20.54 -23.42 0.69
N GLY A 152 21.27 -23.28 1.79
CA GLY A 152 20.95 -24.03 2.99
C GLY A 152 19.64 -23.58 3.61
N PHE A 153 19.38 -22.27 3.59
CA PHE A 153 18.11 -21.77 4.11
C PHE A 153 16.94 -22.22 3.25
N ASN A 154 17.16 -22.41 1.94
CA ASN A 154 16.08 -22.77 1.04
C ASN A 154 15.70 -24.23 1.14
N ARG A 155 16.68 -25.12 1.32
CA ARG A 155 16.36 -26.53 1.48
C ARG A 155 15.70 -26.80 2.83
N HIS A 156 16.08 -26.04 3.86
CA HIS A 156 15.39 -26.13 5.14
C HIS A 156 14.02 -25.47 5.08
N LEU A 157 13.82 -24.53 4.15
CA LEU A 157 12.52 -23.87 4.02
C LEU A 157 11.53 -24.76 3.27
N LYS A 158 12.02 -25.63 2.38
CA LYS A 158 11.14 -26.53 1.65
C LYS A 158 10.49 -27.57 2.55
N GLN A 159 10.98 -27.73 3.78
CA GLN A 159 10.36 -28.66 4.72
C GLN A 159 8.92 -28.23 5.04
N LEU A 160 8.63 -26.94 4.93
CA LEU A 160 7.33 -26.40 5.30
C LEU A 160 6.27 -26.61 4.21
N GLU A 161 6.64 -27.13 3.05
CA GLU A 161 5.69 -27.25 1.95
C GLU A 161 4.72 -28.39 2.21
N SER A 162 3.42 -28.12 1.98
CA SER A 162 2.36 -29.14 2.03
C SER A 162 1.45 -28.84 0.82
N ALA A 163 1.92 -29.27 -0.36
CA ALA A 163 1.23 -28.96 -1.59
C ALA A 163 -0.14 -29.64 -1.65
N PRO A 164 -1.11 -29.05 -2.35
CA PRO A 164 -1.01 -27.77 -3.05
C PRO A 164 -1.42 -26.57 -2.20
N GLN A 165 -1.89 -26.82 -0.98
CA GLN A 165 -2.31 -25.73 -0.10
C GLN A 165 -1.13 -24.80 0.20
N ILE A 166 -0.02 -25.35 0.66
CA ILE A 166 1.17 -24.59 1.01
C ILE A 166 2.27 -24.94 0.01
N LYS A 167 2.84 -23.92 -0.63
CA LYS A 167 3.90 -24.11 -1.60
C LYS A 167 5.03 -23.12 -1.34
N VAL A 168 6.26 -23.58 -1.53
CA VAL A 168 7.44 -22.74 -1.40
C VAL A 168 7.91 -22.38 -2.80
N ILE A 169 7.89 -21.09 -3.12
CA ILE A 169 8.21 -20.62 -4.47
C ILE A 169 9.72 -20.52 -4.62
N ASP A 170 10.25 -21.13 -5.68
CA ASP A 170 11.70 -21.18 -5.91
C ASP A 170 12.15 -19.87 -6.55
N THR A 171 12.22 -18.83 -5.73
CA THR A 171 12.72 -17.54 -6.21
C THR A 171 14.19 -17.64 -6.62
N TYR A 172 14.93 -18.53 -5.96
CA TYR A 172 16.36 -18.70 -6.27
C TYR A 172 16.56 -19.11 -7.73
N ALA A 173 15.78 -20.10 -8.18
CA ALA A 173 15.91 -20.57 -9.55
C ALA A 173 15.50 -19.50 -10.57
N VAL A 174 14.57 -18.61 -10.18
CA VAL A 174 14.15 -17.55 -11.08
C VAL A 174 15.30 -16.58 -11.34
N PHE A 175 16.04 -16.23 -10.28
CA PHE A 175 17.06 -15.19 -10.37
C PHE A 175 18.44 -15.72 -10.75
N LYS A 176 18.70 -17.01 -10.62
CA LYS A 176 20.04 -17.54 -10.84
C LYS A 176 20.43 -17.41 -12.31
N GLY A 177 21.54 -16.72 -12.56
CA GLY A 177 22.02 -16.50 -13.91
C GLY A 177 21.53 -15.23 -14.57
N ARG A 178 20.52 -14.58 -14.01
CA ARG A 178 19.95 -13.37 -14.58
C ARG A 178 19.93 -12.22 -13.58
N GLU A 179 20.91 -12.20 -12.67
CA GLU A 179 20.97 -11.15 -11.66
C GLU A 179 21.27 -9.79 -12.26
N LYS A 180 21.82 -9.74 -13.48
CA LYS A 180 22.13 -8.46 -14.10
C LYS A 180 20.85 -7.73 -14.51
N GLU A 181 19.87 -8.46 -15.03
CA GLU A 181 18.64 -7.84 -15.53
C GLU A 181 17.47 -7.95 -14.56
N TYR A 182 17.52 -8.88 -13.61
CA TYR A 182 16.41 -9.06 -12.67
C TYR A 182 16.59 -8.31 -11.37
N LEU A 183 17.75 -7.67 -11.17
CA LEU A 183 17.99 -6.85 -9.98
C LEU A 183 18.00 -5.38 -10.36
N SER A 184 17.65 -4.53 -9.41
CA SER A 184 17.51 -3.10 -9.66
C SER A 184 18.86 -2.41 -9.51
N ILE A 185 18.85 -1.08 -9.31
CA ILE A 185 20.08 -0.31 -9.30
C ILE A 185 20.90 -0.61 -8.04
N ASP A 186 20.26 -0.99 -6.94
CA ASP A 186 20.97 -1.24 -5.70
C ASP A 186 21.56 -2.64 -5.61
N ARG A 187 21.48 -3.42 -6.68
CA ARG A 187 22.07 -4.74 -6.80
C ARG A 187 21.55 -5.74 -5.77
N VAL A 188 20.51 -5.40 -5.02
CA VAL A 188 19.96 -6.32 -4.03
C VAL A 188 18.44 -6.43 -4.20
N HIS A 189 17.80 -5.33 -4.61
CA HIS A 189 16.35 -5.42 -4.79
C HIS A 189 16.01 -5.69 -6.26
N PRO A 190 14.91 -6.39 -6.51
CA PRO A 190 14.58 -6.77 -7.89
C PRO A 190 14.18 -5.56 -8.73
N SER A 191 14.26 -5.76 -10.04
CA SER A 191 13.77 -4.79 -11.02
C SER A 191 12.35 -5.18 -11.42
N SER A 192 11.77 -4.39 -12.33
CA SER A 192 10.46 -4.73 -12.87
C SER A 192 10.50 -6.06 -13.61
N ARG A 193 11.61 -6.33 -14.31
CA ARG A 193 11.80 -7.64 -14.92
C ARG A 193 11.82 -8.74 -13.85
N GLY A 194 12.55 -8.50 -12.76
CA GLY A 194 12.63 -9.50 -11.70
C GLY A 194 11.29 -9.72 -11.02
N TYR A 195 10.56 -8.64 -10.76
CA TYR A 195 9.23 -8.78 -10.17
C TYR A 195 8.28 -9.47 -11.13
N GLU A 196 8.40 -9.18 -12.43
CA GLU A 196 7.56 -9.86 -13.41
C GLU A 196 7.84 -11.35 -13.42
N ALA A 197 9.13 -11.73 -13.39
CA ALA A 197 9.48 -13.14 -13.38
C ALA A 197 9.04 -13.81 -12.10
N MSE A 198 9.04 -13.10 -10.98
CA MSE A 198 8.57 -13.66 -9.71
C MSE A 198 7.09 -13.97 -9.78
O MSE A 198 6.64 -15.02 -9.32
CB MSE A 198 8.86 -12.70 -8.55
CG MSE A 198 10.30 -12.73 -8.05
SE MSE A 198 10.68 -11.31 -6.77
CE MSE A 198 9.49 -11.85 -5.32
N SER A 199 6.31 -13.04 -10.35
CA SER A 199 4.88 -13.27 -10.49
C SER A 199 4.58 -14.43 -11.42
N GLU A 200 5.41 -14.63 -12.45
CA GLU A 200 5.22 -15.80 -13.33
C GLU A 200 5.44 -17.09 -12.57
N LYS A 201 6.41 -17.11 -11.66
CA LYS A 201 6.67 -18.31 -10.86
C LYS A 201 5.52 -18.61 -9.92
N LEU A 202 4.82 -17.58 -9.43
CA LEU A 202 3.67 -17.80 -8.57
C LEU A 202 2.49 -18.37 -9.36
N ARG A 203 2.22 -17.80 -10.54
CA ARG A 203 1.15 -18.33 -11.38
C ARG A 203 1.43 -19.76 -11.80
N ALA A 204 2.71 -20.10 -12.02
CA ALA A 204 3.08 -21.44 -12.41
C ALA A 204 2.83 -22.45 -11.30
N ALA A 205 2.78 -22.01 -10.04
CA ALA A 205 2.58 -22.92 -8.92
C ALA A 205 1.15 -23.44 -8.84
N GLY A 206 0.23 -22.90 -9.63
CA GLY A 206 -1.15 -23.34 -9.57
C GLY A 206 -1.92 -22.65 -8.46
N TYR A 207 -3.13 -23.16 -8.23
CA TYR A 207 -4.00 -22.55 -7.21
C TYR A 207 -4.72 -23.58 -6.34
N GLY A 208 -4.38 -24.87 -6.46
CA GLY A 208 -4.90 -25.84 -5.51
C GLY A 208 -6.40 -26.02 -5.60
N ARG A 209 -7.05 -26.03 -4.44
CA ARG A 209 -8.49 -26.28 -4.37
C ARG A 209 -9.33 -25.12 -4.87
N LEU A 210 -8.73 -23.96 -5.12
CA LEU A 210 -9.50 -22.81 -5.59
C LEU A 210 -9.92 -22.94 -7.05
N GLU A 211 -9.20 -23.74 -7.85
CA GLU A 211 -9.53 -23.92 -9.24
C GLU A 211 -10.18 -25.28 -9.49
N THR B 2 -18.31 -6.64 -8.63
CA THR B 2 -17.19 -6.22 -7.81
C THR B 2 -16.83 -4.76 -8.07
N LEU B 3 -16.90 -3.94 -7.03
CA LEU B 3 -16.59 -2.53 -7.15
C LEU B 3 -15.09 -2.30 -7.09
N GLN B 4 -14.66 -1.17 -7.66
CA GLN B 4 -13.24 -0.84 -7.78
C GLN B 4 -13.00 0.55 -7.21
N TYR B 5 -12.19 0.61 -6.15
CA TYR B 5 -11.85 1.85 -5.47
C TYR B 5 -10.37 2.12 -5.66
N THR B 6 -10.04 3.27 -6.25
CA THR B 6 -8.65 3.69 -6.45
C THR B 6 -8.43 4.98 -5.68
N ALA B 7 -7.50 4.93 -4.71
CA ALA B 7 -7.25 6.04 -3.81
C ALA B 7 -5.89 6.65 -4.11
N LEU B 8 -5.86 7.99 -4.22
CA LEU B 8 -4.64 8.74 -4.44
C LEU B 8 -4.52 9.81 -3.38
N GLY B 9 -3.30 10.28 -3.15
CA GLY B 9 -3.10 11.39 -2.26
C GLY B 9 -1.73 11.35 -1.61
N ASP B 10 -1.64 12.05 -0.47
CA ASP B 10 -0.38 12.23 0.24
C ASP B 10 -0.38 11.45 1.55
N SER B 11 0.14 12.07 2.62
CA SER B 11 0.27 11.37 3.90
C SER B 11 -1.09 11.01 4.50
N LEU B 12 -2.17 11.67 4.09
CA LEU B 12 -3.48 11.32 4.59
C LEU B 12 -3.98 10.01 3.97
N THR B 13 -3.77 9.84 2.67
CA THR B 13 -4.15 8.60 2.01
C THR B 13 -3.28 7.43 2.49
N VAL B 14 -2.04 7.71 2.88
CA VAL B 14 -1.19 6.66 3.45
C VAL B 14 -1.76 6.20 4.79
N GLY B 15 -2.28 7.13 5.58
CA GLY B 15 -2.71 6.83 6.93
C GLY B 15 -1.74 7.26 8.01
N VAL B 16 -0.84 8.20 7.71
CA VAL B 16 0.13 8.65 8.70
C VAL B 16 -0.60 9.23 9.90
N GLY B 17 -0.16 8.83 11.10
CA GLY B 17 -0.75 9.28 12.35
C GLY B 17 -1.50 8.18 13.08
N ALA B 18 -2.14 7.26 12.35
CA ALA B 18 -2.89 6.18 12.97
C ALA B 18 -2.01 5.02 13.41
N GLY B 19 -0.75 4.99 12.99
CA GLY B 19 0.14 3.89 13.30
C GLY B 19 0.36 2.99 12.10
N LEU B 20 1.38 2.14 12.22
CA LEU B 20 1.73 1.23 11.14
C LEU B 20 0.63 0.18 10.99
N PHE B 21 0.09 0.07 9.77
CA PHE B 21 -0.92 -0.91 9.36
C PHE B 21 -2.28 -0.69 10.03
N GLU B 22 -2.44 0.33 10.87
CA GLU B 22 -3.76 0.65 11.38
C GLU B 22 -4.59 1.33 10.29
N PRO B 23 -5.85 0.96 10.14
CA PRO B 23 -6.65 1.45 8.99
C PRO B 23 -6.91 2.94 9.09
N GLY B 24 -6.53 3.67 8.04
CA GLY B 24 -6.83 5.08 7.92
C GLY B 24 -8.20 5.29 7.31
N PHE B 25 -8.44 6.50 6.81
CA PHE B 25 -9.75 6.82 6.26
C PHE B 25 -10.01 6.03 4.98
N VAL B 26 -8.96 5.71 4.21
CA VAL B 26 -9.15 4.97 2.97
C VAL B 26 -9.71 3.58 3.26
N GLN B 27 -9.13 2.90 4.24
CA GLN B 27 -9.60 1.55 4.57
C GLN B 27 -10.97 1.58 5.22
N ARG B 28 -11.28 2.61 6.00
CA ARG B 28 -12.58 2.68 6.65
C ARG B 28 -13.67 3.16 5.70
N TYR B 29 -13.34 4.05 4.76
CA TYR B 29 -14.29 4.40 3.73
C TYR B 29 -14.58 3.22 2.81
N LYS B 30 -13.60 2.34 2.63
CA LYS B 30 -13.84 1.10 1.89
C LYS B 30 -14.87 0.23 2.59
N ARG B 31 -14.73 0.08 3.91
CA ARG B 31 -15.67 -0.76 4.66
C ARG B 31 -17.08 -0.22 4.57
N LYS B 32 -17.25 1.10 4.69
CA LYS B 32 -18.58 1.69 4.61
C LYS B 32 -19.15 1.63 3.20
N MSE B 33 -18.31 1.37 2.19
CA MSE B 33 -18.80 1.18 0.83
C MSE B 33 -19.43 -0.19 0.65
O MSE B 33 -20.50 -0.32 0.04
CB MSE B 33 -17.66 1.36 -0.17
CG MSE B 33 -17.38 2.81 -0.55
SE MSE B 33 -16.06 2.97 -1.97
CE MSE B 33 -16.86 1.75 -3.26
N GLU B 34 -18.78 -1.23 1.18
CA GLU B 34 -19.33 -2.57 1.07
C GLU B 34 -20.59 -2.73 1.91
N GLU B 35 -20.73 -1.94 2.98
CA GLU B 35 -21.92 -2.02 3.81
C GLU B 35 -23.09 -1.29 3.17
N ASP B 36 -22.84 -0.16 2.51
CA ASP B 36 -23.92 0.62 1.91
C ASP B 36 -24.34 0.06 0.56
N LEU B 37 -23.38 -0.12 -0.35
CA LEU B 37 -23.69 -0.61 -1.69
C LEU B 37 -23.87 -2.12 -1.76
N ASN B 38 -23.58 -2.84 -0.67
CA ASN B 38 -23.79 -4.28 -0.58
C ASN B 38 -23.07 -5.02 -1.70
N GLU B 39 -21.78 -4.73 -1.84
CA GLU B 39 -20.97 -5.39 -2.85
C GLU B 39 -19.50 -5.30 -2.45
N GLU B 40 -18.75 -6.36 -2.72
CA GLU B 40 -17.33 -6.37 -2.42
C GLU B 40 -16.60 -5.36 -3.31
N VAL B 41 -15.64 -4.65 -2.73
CA VAL B 41 -14.90 -3.62 -3.44
C VAL B 41 -13.41 -3.94 -3.37
N SER B 42 -12.73 -3.77 -4.50
CA SER B 42 -11.30 -4.00 -4.61
C SER B 42 -10.57 -2.66 -4.54
N LEU B 43 -9.63 -2.55 -3.60
CA LEU B 43 -8.93 -1.31 -3.32
C LEU B 43 -7.51 -1.36 -3.85
N ILE B 44 -7.02 -0.20 -4.29
CA ILE B 44 -5.62 -0.02 -4.65
C ILE B 44 -5.24 1.43 -4.35
N VAL B 45 -4.06 1.62 -3.76
CA VAL B 45 -3.63 2.91 -3.24
C VAL B 45 -2.37 3.35 -3.96
N PHE B 46 -2.29 4.64 -4.29
CA PHE B 46 -1.08 5.28 -4.80
C PHE B 46 -0.87 6.55 -3.98
N ALA B 47 0.01 6.49 -2.99
CA ALA B 47 0.19 7.62 -2.09
C ALA B 47 1.62 7.65 -1.56
N LYS B 48 2.05 8.84 -1.15
CA LYS B 48 3.38 9.06 -0.59
C LYS B 48 3.34 10.35 0.21
N SER B 49 4.04 10.37 1.34
CA SER B 49 4.09 11.56 2.17
C SER B 49 4.72 12.72 1.40
N GLY B 50 4.04 13.86 1.40
CA GLY B 50 4.54 15.02 0.69
C GLY B 50 4.40 14.94 -0.81
N LEU B 51 3.57 14.05 -1.33
CA LEU B 51 3.39 13.93 -2.76
C LEU B 51 2.68 15.17 -3.31
N GLU B 52 3.29 15.80 -4.31
CA GLU B 52 2.75 17.01 -4.88
C GLU B 52 1.58 16.70 -5.82
N THR B 53 0.73 17.72 -6.02
CA THR B 53 -0.39 17.57 -6.94
C THR B 53 0.08 17.56 -8.40
N SER B 54 1.14 18.31 -8.70
CA SER B 54 1.69 18.27 -10.06
C SER B 54 2.21 16.88 -10.40
N GLU B 55 2.70 16.14 -9.40
CA GLU B 55 3.16 14.78 -9.65
C GLU B 55 1.99 13.85 -9.97
N ILE B 56 0.85 14.05 -9.32
CA ILE B 56 -0.32 13.21 -9.57
C ILE B 56 -0.79 13.38 -11.01
N LEU B 57 -0.82 14.63 -11.49
CA LEU B 57 -1.19 14.87 -12.88
C LEU B 57 -0.25 14.17 -13.84
N ALA B 58 1.02 14.01 -13.45
CA ALA B 58 1.98 13.29 -14.29
C ALA B 58 1.81 11.78 -14.13
N MSE B 59 1.46 11.33 -12.94
CA MSE B 59 1.30 9.90 -12.65
C MSE B 59 0.21 9.26 -13.50
O MSE B 59 0.32 8.10 -13.90
CB MSE B 59 0.95 9.68 -11.17
CG MSE B 59 2.11 9.85 -10.22
SE MSE B 59 1.41 10.15 -8.43
CE MSE B 59 0.06 8.74 -8.41
N LEU B 60 -0.85 10.03 -13.75
CA LEU B 60 -1.99 9.51 -14.49
C LEU B 60 -1.64 9.08 -15.91
N ASN B 61 -0.43 9.38 -16.38
CA ASN B 61 0.05 8.87 -17.65
C ASN B 61 0.75 7.52 -17.53
N GLU B 62 1.08 7.10 -16.31
CA GLU B 62 1.70 5.79 -16.13
C GLU B 62 0.70 4.71 -16.48
N PRO B 63 1.06 3.73 -17.31
CA PRO B 63 0.07 2.75 -17.79
C PRO B 63 -0.62 1.97 -16.68
N PHE B 64 0.11 1.54 -15.66
CA PHE B 64 -0.51 0.78 -14.58
C PHE B 64 -1.46 1.65 -13.76
N ILE B 65 -1.15 2.94 -13.61
CA ILE B 65 -2.00 3.81 -12.80
C ILE B 65 -3.28 4.15 -13.54
N MSE B 66 -3.18 4.50 -14.82
CA MSE B 66 -4.36 4.90 -15.57
C MSE B 66 -5.27 3.69 -15.85
O MSE B 66 -6.46 3.86 -16.13
CB MSE B 66 -3.98 5.60 -16.88
CG MSE B 66 -3.91 4.70 -18.10
SE MSE B 66 -4.10 5.72 -19.75
CE MSE B 66 -2.64 7.00 -19.53
N GLU B 67 -4.71 2.49 -15.78
CA GLU B 67 -5.55 1.30 -15.86
C GLU B 67 -6.45 1.17 -14.63
N GLN B 68 -5.89 1.41 -13.45
CA GLN B 68 -6.69 1.38 -12.23
C GLN B 68 -7.72 2.51 -12.21
N VAL B 69 -7.37 3.66 -12.79
CA VAL B 69 -8.32 4.78 -12.83
C VAL B 69 -9.44 4.49 -13.82
N LYS B 70 -9.12 3.88 -14.96
CA LYS B 70 -10.13 3.63 -15.98
C LYS B 70 -11.25 2.74 -15.46
N LYS B 71 -10.91 1.74 -14.64
CA LYS B 71 -11.91 0.83 -14.09
C LYS B 71 -12.38 1.24 -12.70
N ALA B 72 -11.89 2.37 -12.18
CA ALA B 72 -12.22 2.74 -10.81
C ALA B 72 -13.66 3.23 -10.71
N ASP B 73 -14.42 2.64 -9.79
CA ASP B 73 -15.78 3.10 -9.55
C ASP B 73 -15.79 4.35 -8.66
N VAL B 74 -14.90 4.41 -7.68
CA VAL B 74 -14.78 5.57 -6.80
C VAL B 74 -13.29 5.95 -6.74
N ILE B 75 -13.03 7.26 -6.71
CA ILE B 75 -11.68 7.79 -6.64
C ILE B 75 -11.62 8.86 -5.55
N THR B 76 -10.66 8.74 -4.65
CA THR B 76 -10.43 9.74 -3.61
C THR B 76 -9.06 10.38 -3.83
N ILE B 77 -8.98 11.68 -3.54
CA ILE B 77 -7.76 12.45 -3.76
C ILE B 77 -7.54 13.35 -2.55
N THR B 78 -6.43 13.15 -1.85
CA THR B 78 -5.93 14.11 -0.87
C THR B 78 -4.68 14.78 -1.43
N GLY B 79 -4.33 15.91 -0.82
CA GLY B 79 -3.15 16.61 -1.28
C GLY B 79 -3.10 18.03 -0.75
N CYS B 80 -1.93 18.63 -0.92
CA CYS B 80 -1.60 20.01 -0.57
C CYS B 80 -1.60 20.27 0.92
N GLY B 81 -1.85 19.26 1.75
CA GLY B 81 -1.78 19.46 3.19
C GLY B 81 -0.38 19.80 3.67
N ASN B 82 0.64 19.24 3.01
CA ASN B 82 2.01 19.51 3.39
C ASN B 82 2.55 20.80 2.79
N ASP B 83 1.88 21.35 1.77
CA ASP B 83 2.35 22.59 1.16
C ASP B 83 2.09 23.79 2.07
N LEU B 84 0.94 23.83 2.73
CA LEU B 84 0.67 24.90 3.68
C LEU B 84 1.48 24.73 4.96
N LEU B 85 1.79 23.49 5.34
CA LEU B 85 2.61 23.25 6.52
C LEU B 85 3.99 23.84 6.34
N GLN B 86 4.66 23.51 5.23
CA GLN B 86 5.98 24.05 4.98
C GLN B 86 5.94 25.56 4.80
N SER B 87 4.81 26.11 4.34
CA SER B 87 4.70 27.55 4.19
C SER B 87 4.59 28.23 5.54
N LEU B 88 3.77 27.68 6.44
CA LEU B 88 3.70 28.20 7.80
C LEU B 88 5.05 28.13 8.49
N GLU B 89 5.80 27.04 8.26
CA GLU B 89 7.09 26.89 8.89
C GLU B 89 8.09 27.95 8.41
N ILE B 90 7.97 28.37 7.15
CA ILE B 90 8.79 29.50 6.68
C ILE B 90 8.34 30.78 7.36
N TYR B 91 7.04 30.94 7.56
CA TYR B 91 6.53 32.09 8.30
C TYR B 91 6.96 32.04 9.77
N GLU B 92 7.04 30.83 10.33
CA GLU B 92 7.42 30.71 11.74
C GLU B 92 8.86 31.15 11.97
N LYS B 93 9.72 31.02 10.96
CA LYS B 93 11.12 31.40 11.11
C LYS B 93 11.37 32.86 10.72
N GLU B 94 10.71 33.35 9.68
CA GLU B 94 10.98 34.68 9.15
C GLU B 94 9.92 35.71 9.52
N LYS B 95 8.79 35.29 10.08
CA LYS B 95 7.75 36.19 10.58
C LYS B 95 7.16 37.08 9.49
N ASP B 96 7.29 36.67 8.22
CA ASP B 96 6.71 37.39 7.10
C ASP B 96 5.41 36.70 6.69
N GLU B 97 4.34 37.49 6.58
CA GLU B 97 3.08 36.92 6.12
C GLU B 97 3.11 36.61 4.63
N HIS B 98 3.92 37.34 3.87
CA HIS B 98 4.06 37.10 2.43
C HIS B 98 5.19 36.10 2.21
N VAL B 99 4.84 34.88 1.81
CA VAL B 99 5.80 33.83 1.53
C VAL B 99 5.54 33.35 0.10
N PHE B 100 6.55 32.67 -0.49
CA PHE B 100 6.33 32.25 -1.88
C PHE B 100 5.30 31.14 -2.02
N LEU B 101 4.50 30.81 -1.01
CA LEU B 101 3.48 29.78 -1.16
C LEU B 101 2.45 30.18 -2.21
N GLU B 102 2.11 29.25 -3.08
CA GLU B 102 0.96 29.43 -3.96
C GLU B 102 0.06 28.21 -3.88
N ALA B 103 -0.21 27.73 -2.67
CA ALA B 103 -1.03 26.55 -2.49
C ALA B 103 -2.40 26.72 -3.14
N SER B 104 -3.08 27.84 -2.86
CA SER B 104 -4.35 28.08 -3.51
C SER B 104 -4.18 28.24 -5.01
N SER B 105 -3.09 28.88 -5.43
CA SER B 105 -2.92 29.22 -6.85
C SER B 105 -2.45 28.03 -7.66
N HIS B 106 -1.44 27.30 -7.17
CA HIS B 106 -0.82 26.24 -7.98
C HIS B 106 -1.38 24.86 -7.71
N CYS B 107 -1.91 24.60 -6.51
CA CYS B 107 -2.50 23.29 -6.23
C CYS B 107 -3.89 23.18 -6.86
N GLN B 108 -4.69 24.24 -6.78
CA GLN B 108 -6.06 24.18 -7.29
C GLN B 108 -6.09 24.01 -8.80
N LYS B 109 -5.14 24.65 -9.51
CA LYS B 109 -5.07 24.48 -10.95
C LYS B 109 -4.60 23.09 -11.33
N ASN B 110 -3.74 22.47 -10.52
CA ASN B 110 -3.38 21.07 -10.76
C ASN B 110 -4.56 20.15 -10.50
N TYR B 111 -5.47 20.53 -9.62
CA TYR B 111 -6.64 19.71 -9.34
C TYR B 111 -7.59 19.66 -10.52
N SER B 112 -7.85 20.81 -11.15
CA SER B 112 -8.75 20.82 -12.29
C SER B 112 -8.16 20.08 -13.48
N GLY B 113 -6.84 20.17 -13.68
CA GLY B 113 -6.20 19.36 -14.69
C GLY B 113 -6.22 17.88 -14.37
N MSE B 114 -6.19 17.55 -13.08
CA MSE B 114 -6.31 16.17 -12.64
C MSE B 114 -7.66 15.59 -13.05
O MSE B 114 -7.72 14.53 -13.69
CB MSE B 114 -6.17 16.09 -11.12
CG MSE B 114 -5.05 15.21 -10.62
SE MSE B 114 -4.98 15.28 -8.68
CE MSE B 114 -4.20 17.05 -8.46
N LEU B 115 -8.73 16.29 -12.68
CA LEU B 115 -10.08 15.84 -12.98
C LEU B 115 -10.32 15.70 -14.49
N GLU B 116 -9.67 16.55 -15.29
CA GLU B 116 -9.84 16.46 -16.74
C GLU B 116 -9.13 15.24 -17.29
N LYS B 117 -7.94 14.92 -16.77
CA LYS B 117 -7.24 13.72 -17.22
C LYS B 117 -8.02 12.47 -16.84
N ILE B 118 -8.65 12.47 -15.67
CA ILE B 118 -9.52 11.35 -15.29
C ILE B 118 -10.67 11.22 -16.29
N ARG B 119 -11.22 12.36 -16.73
CA ARG B 119 -12.30 12.33 -17.71
C ARG B 119 -11.81 11.75 -19.04
N GLU B 120 -10.59 12.08 -19.45
CA GLU B 120 -10.06 11.56 -20.70
C GLU B 120 -9.86 10.05 -20.62
N ILE B 121 -9.34 9.56 -19.49
CA ILE B 121 -9.10 8.13 -19.33
C ILE B 121 -10.43 7.38 -19.25
N LYS B 122 -11.36 7.91 -18.46
CA LYS B 122 -12.67 7.25 -18.32
C LYS B 122 -13.45 7.27 -19.62
N GLY B 123 -13.24 8.29 -20.45
CA GLY B 123 -14.06 8.47 -21.62
C GLY B 123 -15.28 9.31 -21.32
N GLU B 124 -15.62 10.23 -22.24
CA GLU B 124 -16.73 11.14 -21.98
C GLU B 124 -18.06 10.42 -21.87
N LYS B 125 -18.19 9.24 -22.47
CA LYS B 125 -19.44 8.49 -22.39
C LYS B 125 -19.76 8.02 -20.98
N ASP B 126 -18.74 7.83 -20.14
CA ASP B 126 -18.94 7.32 -18.79
C ASP B 126 -19.47 8.43 -17.88
N THR B 127 -20.63 8.20 -17.28
CA THR B 127 -21.19 9.10 -16.28
C THR B 127 -21.34 8.45 -14.92
N ARG B 128 -20.86 7.22 -14.75
CA ARG B 128 -21.13 6.45 -13.55
C ARG B 128 -20.05 6.59 -12.49
N TYR B 129 -18.83 6.95 -12.85
CA TYR B 129 -17.73 6.89 -11.90
C TYR B 129 -17.85 8.02 -10.87
N LEU B 130 -17.00 7.94 -9.85
CA LEU B 130 -17.11 8.79 -8.67
C LEU B 130 -15.74 9.32 -8.28
N VAL B 131 -15.66 10.62 -7.99
CA VAL B 131 -14.42 11.25 -7.53
C VAL B 131 -14.75 12.10 -6.32
N ARG B 132 -13.91 12.00 -5.29
CA ARG B 132 -14.13 12.68 -4.00
C ARG B 132 -12.83 13.33 -3.58
N LEU B 133 -12.78 14.65 -3.60
CA LEU B 133 -11.63 15.42 -3.14
C LEU B 133 -11.85 15.86 -1.69
N LEU B 134 -10.86 15.64 -0.84
CA LEU B 134 -10.91 16.09 0.54
C LEU B 134 -10.16 17.41 0.67
N ASN B 135 -10.83 18.41 1.23
CA ASN B 135 -10.17 19.68 1.49
C ASN B 135 -9.30 19.55 2.74
N LEU B 136 -8.81 20.67 3.25
CA LEU B 136 -7.85 20.65 4.35
C LEU B 136 -8.51 21.05 5.66
N TYR B 137 -8.14 20.35 6.72
CA TYR B 137 -8.50 20.74 8.07
C TYR B 137 -7.42 21.64 8.65
N ASN B 138 -7.78 22.34 9.73
CA ASN B 138 -6.82 23.23 10.39
C ASN B 138 -6.30 22.57 11.65
N PRO B 139 -5.06 22.08 11.67
CA PRO B 139 -4.52 21.47 12.89
C PRO B 139 -4.03 22.48 13.92
N PHE B 140 -3.90 23.76 13.54
CA PHE B 140 -3.43 24.81 14.43
C PHE B 140 -4.54 25.87 14.53
N PRO B 141 -5.56 25.62 15.36
CA PRO B 141 -6.62 26.64 15.49
C PRO B 141 -6.15 27.92 16.13
N SER B 142 -5.11 27.87 16.96
CA SER B 142 -4.63 29.08 17.63
C SER B 142 -3.97 30.03 16.64
N ILE B 143 -3.24 29.49 15.67
CA ILE B 143 -2.57 30.31 14.66
C ILE B 143 -3.61 30.83 13.69
N GLU B 144 -3.79 32.15 13.67
CA GLU B 144 -4.85 32.73 12.85
C GLU B 144 -4.50 32.72 11.37
N LEU B 145 -3.21 32.83 11.03
CA LEU B 145 -2.81 32.83 9.63
C LEU B 145 -3.06 31.47 8.98
N ALA B 146 -2.91 30.38 9.73
CA ALA B 146 -3.22 29.06 9.19
C ALA B 146 -4.72 28.93 8.92
N ASP B 147 -5.55 29.46 9.81
CA ASP B 147 -7.00 29.40 9.60
C ASP B 147 -7.42 30.26 8.41
N LYS B 148 -6.67 31.31 8.11
CA LYS B 148 -6.99 32.14 6.95
C LYS B 148 -6.59 31.45 5.66
N TRP B 149 -5.42 30.78 5.65
CA TRP B 149 -4.95 30.12 4.44
C TRP B 149 -5.82 28.91 4.10
N ILE B 150 -6.12 28.08 5.10
CA ILE B 150 -6.87 26.85 4.85
C ILE B 150 -8.30 27.16 4.45
N SER B 151 -8.90 28.20 5.03
CA SER B 151 -10.24 28.59 4.64
C SER B 151 -10.27 29.12 3.21
N GLY B 152 -9.25 29.88 2.82
CA GLY B 152 -9.19 30.37 1.46
C GLY B 152 -8.96 29.28 0.43
N PHE B 153 -8.21 28.25 0.80
CA PHE B 153 -8.01 27.12 -0.11
C PHE B 153 -9.29 26.33 -0.29
N ASN B 154 -10.03 26.09 0.80
CA ASN B 154 -11.27 25.34 0.70
C ASN B 154 -12.35 26.12 -0.03
N ARG B 155 -12.33 27.45 0.08
CA ARG B 155 -13.30 28.27 -0.63
C ARG B 155 -13.11 28.17 -2.15
N HIS B 156 -11.84 28.13 -2.60
CA HIS B 156 -11.57 27.99 -4.03
C HIS B 156 -11.65 26.55 -4.50
N LEU B 157 -11.52 25.59 -3.58
CA LEU B 157 -11.57 24.18 -3.97
C LEU B 157 -13.00 23.72 -4.26
N LYS B 158 -13.97 24.24 -3.50
CA LYS B 158 -15.36 23.87 -3.70
C LYS B 158 -15.86 24.25 -5.08
N GLN B 159 -15.22 25.22 -5.73
CA GLN B 159 -15.63 25.63 -7.08
C GLN B 159 -15.46 24.52 -8.10
N LEU B 160 -14.61 23.53 -7.82
CA LEU B 160 -14.40 22.42 -8.73
C LEU B 160 -15.43 21.32 -8.60
N GLU B 161 -16.42 21.48 -7.71
CA GLU B 161 -17.40 20.43 -7.49
C GLU B 161 -18.40 20.37 -8.64
N SER B 162 -18.67 19.16 -9.12
CA SER B 162 -19.68 18.90 -10.14
C SER B 162 -20.53 17.73 -9.62
N ALA B 163 -21.44 18.04 -8.70
CA ALA B 163 -22.21 17.02 -8.01
C ALA B 163 -23.07 16.24 -9.01
N PRO B 164 -23.30 14.94 -8.75
CA PRO B 164 -22.75 14.20 -7.62
C PRO B 164 -21.52 13.36 -7.97
N GLN B 165 -21.05 13.47 -9.21
CA GLN B 165 -19.83 12.75 -9.60
C GLN B 165 -18.62 13.30 -8.86
N ILE B 166 -18.34 14.60 -9.02
CA ILE B 166 -17.22 15.26 -8.38
C ILE B 166 -17.75 16.01 -7.17
N LYS B 167 -17.32 15.62 -5.97
CA LYS B 167 -17.71 16.29 -4.73
C LYS B 167 -16.47 16.61 -3.91
N VAL B 168 -16.47 17.80 -3.31
CA VAL B 168 -15.40 18.22 -2.41
C VAL B 168 -15.86 17.94 -0.99
N ILE B 169 -15.15 17.04 -0.32
CA ILE B 169 -15.49 16.65 1.05
C ILE B 169 -15.07 17.75 2.01
N ASP B 170 -15.95 18.09 2.95
CA ASP B 170 -15.68 19.14 3.91
C ASP B 170 -14.93 18.56 5.11
N THR B 171 -13.64 18.29 4.87
CA THR B 171 -12.77 17.78 5.93
C THR B 171 -12.58 18.81 7.02
N TYR B 172 -12.68 20.10 6.68
CA TYR B 172 -12.50 21.15 7.67
C TYR B 172 -13.56 21.06 8.77
N ALA B 173 -14.83 20.93 8.38
CA ALA B 173 -15.91 20.86 9.36
C ALA B 173 -15.83 19.60 10.20
N VAL B 174 -15.21 18.55 9.68
CA VAL B 174 -15.05 17.32 10.44
C VAL B 174 -14.17 17.55 11.66
N PHE B 175 -13.10 18.32 11.49
CA PHE B 175 -12.13 18.54 12.56
C PHE B 175 -12.38 19.81 13.37
N LYS B 176 -13.29 20.68 12.92
CA LYS B 176 -13.53 21.94 13.62
C LYS B 176 -14.11 21.68 15.00
N GLY B 177 -13.41 22.15 16.04
CA GLY B 177 -13.83 21.94 17.40
C GLY B 177 -13.57 20.56 17.96
N ARG B 178 -12.88 19.70 17.21
CA ARG B 178 -12.59 18.33 17.63
C ARG B 178 -11.15 17.97 17.29
N GLU B 179 -10.22 18.92 17.53
CA GLU B 179 -8.84 18.72 17.11
C GLU B 179 -8.13 17.68 17.98
N LYS B 180 -8.07 17.94 19.30
CA LYS B 180 -7.33 17.06 20.19
C LYS B 180 -7.89 15.64 20.21
N GLU B 181 -9.15 15.46 19.84
CA GLU B 181 -9.75 14.13 19.82
C GLU B 181 -9.45 13.38 18.53
N TYR B 182 -9.28 14.10 17.42
CA TYR B 182 -9.14 13.47 16.10
C TYR B 182 -7.71 13.47 15.58
N LEU B 183 -6.79 14.14 16.25
CA LEU B 183 -5.42 14.26 15.78
C LEU B 183 -4.50 13.28 16.51
N SER B 184 -3.50 12.79 15.79
CA SER B 184 -2.50 11.92 16.38
C SER B 184 -1.60 12.70 17.33
N ILE B 185 -0.62 12.00 17.92
CA ILE B 185 0.27 12.66 18.86
C ILE B 185 1.17 13.67 18.16
N ASP B 186 1.35 13.55 16.83
CA ASP B 186 2.07 14.56 16.08
C ASP B 186 1.23 15.80 15.82
N ARG B 187 -0.09 15.72 16.02
CA ARG B 187 -0.96 16.89 16.02
C ARG B 187 -1.11 17.52 14.64
N VAL B 188 -0.38 17.01 13.66
CA VAL B 188 -0.53 17.44 12.27
C VAL B 188 -1.23 16.40 11.41
N HIS B 189 -1.15 15.12 11.77
CA HIS B 189 -1.88 14.06 11.08
C HIS B 189 -3.01 13.55 11.96
N PRO B 190 -4.13 13.12 11.37
CA PRO B 190 -5.27 12.73 12.20
C PRO B 190 -5.03 11.42 12.93
N SER B 191 -5.69 11.27 14.06
CA SER B 191 -5.65 10.02 14.81
C SER B 191 -6.47 8.95 14.08
N SER B 192 -6.47 7.75 14.65
CA SER B 192 -7.37 6.72 14.15
C SER B 192 -8.83 7.12 14.32
N ARG B 193 -9.11 8.03 15.27
CA ARG B 193 -10.46 8.57 15.41
C ARG B 193 -10.78 9.55 14.29
N GLY B 194 -9.82 10.40 13.94
CA GLY B 194 -10.06 11.36 12.87
C GLY B 194 -10.22 10.70 11.51
N TYR B 195 -9.45 9.65 11.25
CA TYR B 195 -9.63 8.90 10.01
C TYR B 195 -11.00 8.25 9.95
N GLU B 196 -11.55 7.84 11.11
CA GLU B 196 -12.89 7.27 11.14
C GLU B 196 -13.94 8.32 10.80
N ALA B 197 -13.79 9.54 11.32
CA ALA B 197 -14.75 10.59 11.03
C ALA B 197 -14.67 11.02 9.57
N MSE B 198 -13.48 11.00 8.99
CA MSE B 198 -13.30 11.31 7.57
C MSE B 198 -14.10 10.35 6.70
O MSE B 198 -14.82 10.78 5.80
CB MSE B 198 -11.82 11.24 7.18
CG MSE B 198 -10.96 12.41 7.64
SE MSE B 198 -9.12 12.13 7.07
CE MSE B 198 -8.38 13.86 7.52
N SER B 199 -13.95 9.06 6.98
CA SER B 199 -14.68 8.04 6.24
C SER B 199 -16.18 8.24 6.35
N GLU B 200 -16.66 8.71 7.50
CA GLU B 200 -18.09 8.97 7.65
C GLU B 200 -18.53 10.17 6.82
N LYS B 201 -17.65 11.16 6.64
CA LYS B 201 -17.99 12.31 5.82
C LYS B 201 -18.00 11.93 4.34
N LEU B 202 -17.07 11.07 3.92
CA LEU B 202 -17.11 10.55 2.56
C LEU B 202 -18.39 9.77 2.31
N ARG B 203 -18.85 9.02 3.31
CA ARG B 203 -20.12 8.31 3.19
C ARG B 203 -21.29 9.26 3.08
N ALA B 204 -21.23 10.40 3.78
CA ALA B 204 -22.30 11.39 3.72
C ALA B 204 -22.45 12.01 2.34
N ALA B 205 -21.40 11.96 1.52
CA ALA B 205 -21.46 12.56 0.19
C ALA B 205 -22.34 11.78 -0.78
N GLY B 206 -22.71 10.55 -0.44
CA GLY B 206 -23.51 9.75 -1.33
C GLY B 206 -22.67 9.05 -2.38
N TYR B 207 -23.35 8.22 -3.19
CA TYR B 207 -22.66 7.41 -4.20
C TYR B 207 -23.25 7.60 -5.59
N GLY B 208 -24.05 8.65 -5.78
CA GLY B 208 -24.49 9.00 -7.13
C GLY B 208 -25.30 7.90 -7.79
N ARG B 209 -24.85 7.50 -8.99
CA ARG B 209 -25.53 6.49 -9.79
C ARG B 209 -25.11 5.07 -9.43
N LEU B 210 -24.16 4.89 -8.52
CA LEU B 210 -23.76 3.54 -8.13
C LEU B 210 -24.90 2.80 -7.43
N GLU B 211 -25.78 3.53 -6.76
CA GLU B 211 -26.89 2.91 -6.05
C GLU B 211 -27.92 2.33 -7.01
S SO4 C . 13.54 -2.57 -15.03
O1 SO4 C . 14.96 -2.40 -15.35
O2 SO4 C . 13.30 -2.17 -13.65
O3 SO4 C . 13.17 -3.97 -15.21
O4 SO4 C . 12.74 -1.74 -15.92
S SO4 D . -5.94 -5.25 -12.24
O1 SO4 D . -6.75 -4.97 -11.06
O2 SO4 D . -4.57 -5.53 -11.83
O3 SO4 D . -6.49 -6.41 -12.94
O4 SO4 D . -5.96 -4.09 -13.14
C1 EDO E . 13.28 -10.86 -19.33
O1 EDO E . 12.47 -11.97 -18.93
C2 EDO E . 14.61 -11.37 -19.86
O2 EDO E . 15.45 -10.25 -20.20
CL CL F . 13.58 -5.39 3.75
C FMT G . 2.29 0.07 -5.70
O1 FMT G . 1.37 -0.13 -6.50
O2 FMT G . 3.37 -0.53 -5.73
S SO4 H . -23.46 17.54 -0.04
O1 SO4 H . -22.74 17.15 -1.24
O2 SO4 H . -23.07 16.68 1.07
O3 SO4 H . -24.90 17.40 -0.27
O4 SO4 H . -23.15 18.93 0.29
S SO4 I . 5.89 7.31 2.77
O1 SO4 I . 7.27 7.32 3.25
O2 SO4 I . 5.68 6.12 1.94
O3 SO4 I . 4.97 7.26 3.91
O4 SO4 I . 5.63 8.50 1.99
S SO4 J . -6.50 8.03 19.44
O1 SO4 J . -5.07 8.15 19.26
O2 SO4 J . -6.80 7.58 20.80
O3 SO4 J . -7.03 7.07 18.48
O4 SO4 J . -7.13 9.33 19.23
C1 EDO K . -27.43 13.74 -5.30
O1 EDO K . -26.48 12.68 -5.17
C2 EDO K . -26.71 15.03 -5.68
O2 EDO K . -25.66 15.30 -4.76
CL CL L . -19.60 -9.32 -4.96
C1 EDO M . -18.61 20.90 -16.79
O1 EDO M . -18.80 20.03 -17.91
C2 EDO M . -17.78 20.18 -15.73
O2 EDO M . -18.47 19.01 -15.28
#